data_5DY8
#
_entry.id   5DY8
#
_cell.length_a   54.379
_cell.length_b   81.276
_cell.length_c   58.230
_cell.angle_alpha   90.000
_cell.angle_beta   110.280
_cell.angle_gamma   90.000
#
_symmetry.space_group_name_H-M   'P 1 21 1'
#
loop_
_entity.id
_entity.type
_entity.pdbx_description
1 polymer 'Estrogen receptor'
2 polymer 'Nuclear receptor coactivator 2'
3 non-polymer "4,4'-{[(3S)-3-ethylcyclohexylidene]methanediyl}diphenol"
4 water water
#
loop_
_entity_poly.entity_id
_entity_poly.type
_entity_poly.pdbx_seq_one_letter_code
_entity_poly.pdbx_strand_id
1 'polypeptide(L)'
;IKRSKKNSLALSLTADQMVSALLDAEPPILYSEYDPTRPFSEASMMGLLTNLADRELVHMINWAKRVPGFVDLTLHDQVH
LLECAWLEILMIGLVWRSMEHPGKLLFAPNLLLDRNQGKCVEGMVEIFDMLLATSSRFRMMNLQGEEFVCLKSIILLNSG
VYTFLSSTLKSLEEKDHIHRVLDKITDTLIHLMAKAGLTLQQQHQRLAQLLLILSHIRHMSNKGMEHLYSMKCKNVVPLS
DLLLEMLDAHRLHAPTS
;
A,B
2 'polypeptide(L)' KHKILHRLLQDSSS C,D
#
# COMPACT_ATOMS: atom_id res chain seq x y z
N ASN A 7 13.80 12.20 -24.96
CA ASN A 7 14.57 11.64 -23.86
C ASN A 7 14.63 12.54 -22.63
N SER A 8 14.38 11.94 -21.47
CA SER A 8 14.40 12.67 -20.21
C SER A 8 15.82 12.78 -19.65
N LEU A 9 16.13 13.91 -19.04
CA LEU A 9 17.47 14.10 -18.45
C LEU A 9 17.55 13.43 -17.09
N ALA A 10 16.41 12.99 -16.57
CA ALA A 10 16.35 12.30 -15.29
C ALA A 10 17.20 11.03 -15.32
N LEU A 11 17.16 10.33 -16.45
CA LEU A 11 17.91 9.09 -16.59
C LEU A 11 19.41 9.34 -16.79
N SER A 12 19.76 10.54 -17.20
CA SER A 12 21.15 10.89 -17.45
C SER A 12 21.86 11.38 -16.18
N LEU A 13 21.08 11.62 -15.13
CA LEU A 13 21.64 12.09 -13.88
C LEU A 13 22.44 10.99 -13.19
N THR A 14 23.52 11.38 -12.51
CA THR A 14 24.24 10.44 -11.66
C THR A 14 23.45 10.26 -10.37
N ALA A 15 23.86 9.31 -9.55
CA ALA A 15 23.16 9.02 -8.31
C ALA A 15 23.21 10.22 -7.35
N ASP A 16 24.40 10.80 -7.21
CA ASP A 16 24.58 11.97 -6.36
C ASP A 16 23.77 13.16 -6.88
N GLN A 17 23.71 13.29 -8.20
CA GLN A 17 22.92 14.36 -8.82
C GLN A 17 21.44 14.16 -8.56
N MET A 18 20.99 12.90 -8.62
CA MET A 18 19.60 12.57 -8.32
C MET A 18 19.25 12.94 -6.89
N VAL A 19 20.17 12.64 -5.97
CA VAL A 19 20.01 12.98 -4.55
C VAL A 19 19.97 14.48 -4.36
N SER A 20 20.88 15.19 -5.01
CA SER A 20 20.95 16.64 -4.92
C SER A 20 19.68 17.30 -5.44
N ALA A 21 19.18 16.79 -6.55
CA ALA A 21 17.96 17.33 -7.16
C ALA A 21 16.76 17.21 -6.21
N LEU A 22 16.62 16.03 -5.59
CA LEU A 22 15.51 15.78 -4.67
C LEU A 22 15.65 16.59 -3.38
N LEU A 23 16.87 16.69 -2.86
CA LEU A 23 17.12 17.47 -1.66
C LEU A 23 16.84 18.94 -1.90
N ASP A 24 17.20 19.42 -3.08
CA ASP A 24 17.00 20.82 -3.45
C ASP A 24 15.52 21.11 -3.67
N ALA A 25 14.77 20.08 -4.04
CA ALA A 25 13.36 20.24 -4.37
C ALA A 25 12.47 20.23 -3.13
N GLU A 26 13.06 19.86 -2.00
CA GLU A 26 12.33 19.74 -0.74
C GLU A 26 11.54 20.99 -0.38
N PRO A 27 10.26 20.82 -0.07
CA PRO A 27 9.43 21.92 0.42
C PRO A 27 9.80 22.22 1.87
N PRO A 28 9.50 23.43 2.35
CA PRO A 28 9.82 23.77 3.74
C PRO A 28 8.84 23.15 4.73
N ILE A 29 9.23 23.08 6.00
CA ILE A 29 8.33 22.70 7.06
C ILE A 29 7.51 23.92 7.46
N LEU A 30 6.21 23.87 7.21
CA LEU A 30 5.34 25.01 7.48
C LEU A 30 4.87 25.00 8.92
N TYR A 31 4.51 26.18 9.42
CA TYR A 31 3.95 26.31 10.75
C TYR A 31 2.43 26.34 10.69
N SER A 32 1.79 25.85 11.74
CA SER A 32 0.36 26.04 11.90
C SER A 32 0.14 27.48 12.36
N GLU A 33 -1.12 27.91 12.37
CA GLU A 33 -1.46 29.18 13.01
C GLU A 33 -0.94 29.16 14.44
N TYR A 34 -0.63 30.32 15.00
CA TYR A 34 -0.22 30.32 16.40
C TYR A 34 -1.45 30.07 17.27
N ASP A 35 -1.59 30.83 18.35
CA ASP A 35 -2.63 30.56 19.35
C ASP A 35 -2.37 29.18 19.97
N PRO A 36 -1.87 29.17 21.21
CA PRO A 36 -1.37 27.95 21.86
C PRO A 36 -2.46 27.05 22.44
N THR A 37 -3.68 27.22 21.96
CA THR A 37 -4.78 26.36 22.39
C THR A 37 -4.59 24.97 21.82
N ARG A 38 -4.42 23.99 22.71
CA ARG A 38 -4.31 22.61 22.29
C ARG A 38 -5.67 22.13 21.79
N PRO A 39 -5.74 21.73 20.51
CA PRO A 39 -7.00 21.31 19.89
C PRO A 39 -7.56 20.03 20.50
N PHE A 40 -8.74 20.13 21.11
CA PHE A 40 -9.43 18.98 21.67
C PHE A 40 -10.86 18.91 21.13
N SER A 41 -11.08 19.52 19.97
CA SER A 41 -12.38 19.50 19.33
C SER A 41 -12.22 19.04 17.88
N GLU A 42 -13.29 18.52 17.30
CA GLU A 42 -13.24 18.08 15.91
C GLU A 42 -13.26 19.29 14.98
N ALA A 43 -13.79 20.39 15.46
CA ALA A 43 -13.85 21.62 14.68
C ALA A 43 -12.47 22.29 14.64
N SER A 44 -11.87 22.47 15.81
CA SER A 44 -10.61 23.20 15.92
C SER A 44 -9.44 22.45 15.28
N MET A 45 -9.34 21.15 15.53
CA MET A 45 -8.20 20.38 15.05
C MET A 45 -8.29 20.14 13.55
N MET A 46 -9.47 19.77 13.07
CA MET A 46 -9.67 19.63 11.62
C MET A 46 -9.57 20.99 10.96
N GLY A 47 -9.88 22.04 11.71
CA GLY A 47 -9.69 23.39 11.22
C GLY A 47 -8.21 23.67 10.99
N LEU A 48 -7.40 23.32 11.98
CA LEU A 48 -5.95 23.52 11.90
C LEU A 48 -5.30 22.63 10.82
N LEU A 49 -5.71 21.37 10.78
CA LEU A 49 -5.12 20.41 9.85
C LEU A 49 -5.46 20.73 8.39
N THR A 50 -6.70 21.15 8.15
CA THR A 50 -7.13 21.52 6.81
C THR A 50 -6.37 22.73 6.29
N ASN A 51 -6.21 23.73 7.16
CA ASN A 51 -5.47 24.94 6.81
C ASN A 51 -4.02 24.64 6.49
N LEU A 52 -3.40 23.77 7.28
CA LEU A 52 -2.02 23.38 7.07
C LEU A 52 -1.84 22.61 5.78
N ALA A 53 -2.70 21.61 5.58
CA ALA A 53 -2.62 20.76 4.39
C ALA A 53 -2.82 21.56 3.10
N ASP A 54 -3.71 22.56 3.17
CA ASP A 54 -3.98 23.40 2.01
C ASP A 54 -2.74 24.18 1.59
N ARG A 55 -1.99 24.68 2.57
CA ARG A 55 -0.76 25.41 2.29
C ARG A 55 0.35 24.46 1.87
N GLU A 56 0.40 23.28 2.49
CA GLU A 56 1.39 22.27 2.13
C GLU A 56 1.21 21.79 0.69
N LEU A 57 -0.04 21.72 0.24
CA LEU A 57 -0.36 21.26 -1.11
C LEU A 57 0.29 22.13 -2.19
N VAL A 58 0.28 23.44 -1.97
CA VAL A 58 0.85 24.39 -2.93
C VAL A 58 2.36 24.17 -3.07
N HIS A 59 3.03 23.88 -1.96
CA HIS A 59 4.45 23.57 -1.97
C HIS A 59 4.72 22.21 -2.60
N MET A 60 3.81 21.26 -2.36
CA MET A 60 3.96 19.91 -2.91
C MET A 60 3.91 19.93 -4.43
N ILE A 61 2.99 20.73 -4.98
CA ILE A 61 2.81 20.86 -6.42
C ILE A 61 4.07 21.38 -7.09
N ASN A 62 4.69 22.39 -6.48
CA ASN A 62 5.92 22.95 -6.99
C ASN A 62 7.13 22.05 -6.70
N TRP A 63 7.01 21.23 -5.65
CA TRP A 63 8.03 20.22 -5.37
C TRP A 63 8.02 19.14 -6.45
N ALA A 64 6.82 18.67 -6.77
CA ALA A 64 6.63 17.60 -7.75
C ALA A 64 7.22 17.98 -9.10
N LYS A 65 7.09 19.25 -9.47
CA LYS A 65 7.62 19.74 -10.74
C LYS A 65 9.15 19.71 -10.77
N ARG A 66 9.77 19.64 -9.59
CA ARG A 66 11.22 19.60 -9.51
C ARG A 66 11.74 18.18 -9.31
N VAL A 67 10.82 17.22 -9.21
CA VAL A 67 11.20 15.82 -9.19
C VAL A 67 11.59 15.39 -10.60
N PRO A 68 12.83 14.90 -10.77
CA PRO A 68 13.34 14.47 -12.09
C PRO A 68 12.41 13.44 -12.76
N GLY A 69 12.04 13.71 -14.01
CA GLY A 69 11.19 12.80 -14.75
C GLY A 69 9.73 13.23 -14.77
N PHE A 70 9.31 13.92 -13.72
CA PHE A 70 7.92 14.31 -13.54
C PHE A 70 7.47 15.31 -14.61
N VAL A 71 8.31 16.29 -14.90
CA VAL A 71 7.99 17.34 -15.85
C VAL A 71 7.97 16.82 -17.28
N ASP A 72 8.51 15.62 -17.48
CA ASP A 72 8.55 15.00 -18.80
C ASP A 72 7.21 14.36 -19.15
N LEU A 73 6.35 14.24 -18.15
CA LEU A 73 5.01 13.68 -18.35
C LEU A 73 4.07 14.74 -18.90
N THR A 74 2.97 14.29 -19.51
CA THR A 74 1.93 15.21 -19.95
C THR A 74 1.30 15.87 -18.72
N LEU A 75 0.66 17.01 -18.93
CA LEU A 75 0.05 17.75 -17.83
C LEU A 75 -1.03 16.92 -17.13
N HIS A 76 -1.78 16.15 -17.93
CA HIS A 76 -2.85 15.32 -17.40
C HIS A 76 -2.31 14.16 -16.56
N ASP A 77 -1.17 13.61 -16.96
CA ASP A 77 -0.53 12.55 -16.21
C ASP A 77 0.02 13.09 -14.90
N GLN A 78 0.53 14.32 -14.94
CA GLN A 78 1.00 14.99 -13.73
C GLN A 78 -0.16 15.19 -12.75
N VAL A 79 -1.29 15.65 -13.28
CA VAL A 79 -2.51 15.83 -12.49
C VAL A 79 -2.94 14.52 -11.84
N HIS A 80 -2.96 13.46 -12.64
CA HIS A 80 -3.41 12.15 -12.17
C HIS A 80 -2.56 11.64 -11.01
N LEU A 81 -1.24 11.72 -11.15
CA LEU A 81 -0.32 11.23 -10.13
C LEU A 81 -0.45 11.99 -8.82
N LEU A 82 -0.61 13.31 -8.92
CA LEU A 82 -0.75 14.15 -7.73
C LEU A 82 -2.09 13.91 -7.02
N GLU A 83 -3.16 13.74 -7.80
CA GLU A 83 -4.47 13.45 -7.24
C GLU A 83 -4.48 12.13 -6.49
N CYS A 84 -3.76 11.14 -7.04
CA CYS A 84 -3.68 9.82 -6.43
C CYS A 84 -2.84 9.81 -5.16
N ALA A 85 -1.77 10.60 -5.15
CA ALA A 85 -0.72 10.42 -4.15
C ALA A 85 -0.64 11.52 -3.08
N TRP A 86 -1.44 12.57 -3.20
CA TRP A 86 -1.22 13.77 -2.37
C TRP A 86 -1.31 13.50 -0.85
N LEU A 87 -2.25 12.66 -0.43
CA LEU A 87 -2.37 12.38 0.99
C LEU A 87 -1.26 11.47 1.47
N GLU A 88 -0.86 10.52 0.61
CA GLU A 88 0.30 9.68 0.90
C GLU A 88 1.54 10.53 1.14
N ILE A 89 1.73 11.50 0.27
CA ILE A 89 2.89 12.41 0.33
C ILE A 89 2.84 13.26 1.59
N LEU A 90 1.65 13.76 1.93
CA LEU A 90 1.47 14.53 3.16
C LEU A 90 1.79 13.68 4.39
N MET A 91 1.37 12.41 4.34
CA MET A 91 1.50 11.52 5.49
C MET A 91 2.94 11.06 5.73
N ILE A 92 3.67 10.72 4.67
CA ILE A 92 5.05 10.29 4.84
C ILE A 92 5.91 11.47 5.31
N GLY A 93 5.52 12.68 4.93
CA GLY A 93 6.19 13.87 5.41
C GLY A 93 5.92 14.06 6.89
N LEU A 94 4.67 13.89 7.28
CA LEU A 94 4.26 13.96 8.68
C LEU A 94 5.00 12.94 9.53
N VAL A 95 5.05 11.71 9.04
CA VAL A 95 5.74 10.62 9.71
C VAL A 95 7.23 10.91 9.88
N TRP A 96 7.84 11.47 8.83
CA TRP A 96 9.25 11.84 8.86
C TRP A 96 9.52 12.92 9.90
N ARG A 97 8.68 13.95 9.92
CA ARG A 97 8.83 15.06 10.87
C ARG A 97 8.68 14.59 12.32
N SER A 98 7.92 13.51 12.51
CA SER A 98 7.58 13.04 13.85
C SER A 98 8.55 12.01 14.40
N MET A 99 9.60 11.69 13.63
CA MET A 99 10.56 10.65 14.02
C MET A 99 11.19 10.89 15.40
N GLU A 100 11.64 12.13 15.63
CA GLU A 100 12.34 12.47 16.86
C GLU A 100 11.40 12.78 18.02
N HIS A 101 10.10 12.53 17.82
CA HIS A 101 9.11 12.76 18.86
C HIS A 101 8.21 11.54 19.04
N PRO A 102 8.72 10.49 19.70
CA PRO A 102 7.97 9.24 19.90
C PRO A 102 6.64 9.46 20.62
N GLY A 103 5.59 8.82 20.10
CA GLY A 103 4.27 8.96 20.70
C GLY A 103 3.58 10.25 20.29
N LYS A 104 4.22 11.02 19.42
CA LYS A 104 3.68 12.31 19.01
C LYS A 104 3.72 12.48 17.49
N LEU A 105 2.78 13.27 16.98
CA LEU A 105 2.77 13.61 15.56
C LEU A 105 3.03 15.10 15.40
N LEU A 106 4.12 15.43 14.71
CA LEU A 106 4.52 16.81 14.50
C LEU A 106 3.98 17.32 13.17
N PHE A 107 2.72 17.75 13.18
CA PHE A 107 2.12 18.36 11.98
C PHE A 107 2.85 19.64 11.63
N ALA A 108 3.30 20.34 12.68
CA ALA A 108 4.08 21.57 12.54
C ALA A 108 4.92 21.73 13.80
N PRO A 109 6.01 22.51 13.74
CA PRO A 109 6.82 22.72 14.94
C PRO A 109 6.03 23.32 16.10
N ASN A 110 4.93 24.01 15.80
CA ASN A 110 4.07 24.57 16.83
C ASN A 110 2.72 23.87 16.89
N LEU A 111 2.64 22.68 16.30
CA LEU A 111 1.43 21.87 16.37
C LEU A 111 1.78 20.41 16.62
N LEU A 112 2.03 20.06 17.87
CA LEU A 112 2.40 18.70 18.24
C LEU A 112 1.25 17.99 18.92
N LEU A 113 0.70 16.98 18.26
CA LEU A 113 -0.46 16.26 18.76
C LEU A 113 -0.12 14.85 19.25
N ASP A 114 -0.80 14.41 20.30
CA ASP A 114 -0.69 13.03 20.75
C ASP A 114 -2.02 12.31 20.50
N ARG A 115 -2.06 11.01 20.78
CA ARG A 115 -3.25 10.22 20.50
C ARG A 115 -4.45 10.64 21.34
N ASN A 116 -4.18 11.25 22.49
CA ASN A 116 -5.24 11.71 23.39
C ASN A 116 -6.04 12.85 22.77
N GLN A 117 -5.44 13.55 21.82
CA GLN A 117 -6.13 14.59 21.08
C GLN A 117 -6.83 13.96 19.87
N GLY A 118 -6.21 12.92 19.33
CA GLY A 118 -6.82 12.13 18.28
C GLY A 118 -7.98 11.35 18.86
N LYS A 119 -7.92 11.10 20.16
CA LYS A 119 -8.97 10.40 20.88
C LYS A 119 -10.29 11.16 20.86
N CYS A 120 -10.25 12.41 20.42
CA CYS A 120 -11.45 13.15 20.07
C CYS A 120 -12.02 12.58 18.77
N VAL A 121 -12.52 13.48 17.93
CA VAL A 121 -12.88 13.23 16.52
C VAL A 121 -13.15 11.78 16.11
N GLU A 122 -14.41 11.45 15.93
CA GLU A 122 -14.84 10.10 15.59
C GLU A 122 -14.06 9.49 14.43
N GLY A 123 -13.38 8.38 14.72
CA GLY A 123 -12.67 7.62 13.70
C GLY A 123 -11.37 8.24 13.22
N MET A 124 -10.54 8.72 14.15
CA MET A 124 -9.25 9.28 13.78
C MET A 124 -8.10 8.70 14.61
N VAL A 125 -8.42 8.21 15.80
CA VAL A 125 -7.40 7.67 16.70
C VAL A 125 -6.75 6.43 16.09
N GLU A 126 -7.49 5.72 15.24
CA GLU A 126 -6.98 4.53 14.56
C GLU A 126 -5.92 4.91 13.55
N ILE A 127 -6.19 5.95 12.76
CA ILE A 127 -5.25 6.46 11.79
C ILE A 127 -4.06 7.10 12.50
N PHE A 128 -4.35 7.73 13.64
CA PHE A 128 -3.32 8.33 14.48
C PHE A 128 -2.30 7.28 14.90
N ASP A 129 -2.81 6.16 15.43
CA ASP A 129 -1.95 5.07 15.89
C ASP A 129 -1.13 4.47 14.77
N MET A 130 -1.71 4.37 13.57
CA MET A 130 -1.01 3.83 12.42
C MET A 130 0.18 4.71 12.02
N LEU A 131 -0.04 6.02 12.05
CA LEU A 131 1.02 6.97 11.72
C LEU A 131 2.13 6.93 12.76
N LEU A 132 1.74 6.80 14.04
CA LEU A 132 2.71 6.71 15.12
C LEU A 132 3.59 5.46 14.98
N ALA A 133 2.96 4.36 14.56
CA ALA A 133 3.68 3.11 14.36
C ALA A 133 4.68 3.23 13.22
N THR A 134 4.27 3.90 12.14
CA THR A 134 5.13 4.11 10.99
C THR A 134 6.31 5.02 11.36
N SER A 135 6.02 6.02 12.20
CA SER A 135 7.05 6.94 12.67
C SER A 135 8.10 6.20 13.49
N SER A 136 7.63 5.37 14.42
CA SER A 136 8.52 4.57 15.26
C SER A 136 9.36 3.61 14.41
N ARG A 137 8.74 3.06 13.37
CA ARG A 137 9.44 2.14 12.47
C ARG A 137 10.57 2.84 11.72
N PHE A 138 10.28 4.03 11.21
CA PHE A 138 11.30 4.84 10.54
C PHE A 138 12.43 5.19 11.49
N ARG A 139 12.06 5.45 12.75
CA ARG A 139 13.05 5.82 13.76
C ARG A 139 13.96 4.64 14.11
N MET A 140 13.37 3.45 14.25
CA MET A 140 14.13 2.26 14.59
C MET A 140 15.02 1.82 13.44
N MET A 141 14.62 2.19 12.22
CA MET A 141 15.41 1.86 11.03
C MET A 141 16.51 2.89 10.78
N ASN A 142 16.50 3.98 11.55
CA ASN A 142 17.38 5.10 11.34
C ASN A 142 17.28 5.65 9.92
N LEU A 143 16.05 5.90 9.48
CA LEU A 143 15.80 6.44 8.15
C LEU A 143 16.53 7.76 7.93
N GLN A 144 17.26 7.86 6.83
CA GLN A 144 18.03 9.05 6.52
C GLN A 144 17.26 9.98 5.61
N GLY A 145 17.57 11.27 5.67
CA GLY A 145 16.92 12.28 4.86
C GLY A 145 17.02 12.02 3.37
N GLU A 146 18.19 11.55 2.95
CA GLU A 146 18.41 11.21 1.55
C GLU A 146 17.53 10.04 1.12
N GLU A 147 17.31 9.11 2.05
CA GLU A 147 16.45 7.97 1.78
C GLU A 147 14.99 8.42 1.74
N PHE A 148 14.63 9.33 2.63
CA PHE A 148 13.26 9.84 2.72
C PHE A 148 12.79 10.47 1.42
N VAL A 149 13.61 11.34 0.84
CA VAL A 149 13.23 12.05 -0.37
C VAL A 149 13.11 11.11 -1.57
N CYS A 150 13.85 10.01 -1.53
CA CYS A 150 13.74 8.99 -2.57
C CYS A 150 12.40 8.26 -2.45
N LEU A 151 12.02 7.92 -1.23
CA LEU A 151 10.77 7.24 -0.95
C LEU A 151 9.57 8.11 -1.33
N LYS A 152 9.66 9.39 -1.04
CA LYS A 152 8.57 10.32 -1.33
C LYS A 152 8.38 10.50 -2.83
N SER A 153 9.48 10.47 -3.56
CA SER A 153 9.45 10.56 -5.02
C SER A 153 8.88 9.28 -5.64
N ILE A 154 9.20 8.15 -5.03
CA ILE A 154 8.67 6.86 -5.46
C ILE A 154 7.16 6.84 -5.34
N ILE A 155 6.66 7.32 -4.20
CA ILE A 155 5.22 7.43 -3.96
C ILE A 155 4.53 8.25 -5.04
N LEU A 156 5.11 9.40 -5.36
CA LEU A 156 4.56 10.30 -6.37
C LEU A 156 4.43 9.61 -7.73
N LEU A 157 5.47 8.89 -8.12
CA LEU A 157 5.52 8.28 -9.45
C LEU A 157 4.81 6.94 -9.53
N ASN A 158 4.80 6.19 -8.43
CA ASN A 158 4.24 4.84 -8.45
C ASN A 158 2.74 4.77 -8.21
N SER A 159 2.26 5.51 -7.21
CA SER A 159 0.91 5.33 -6.68
C SER A 159 -0.23 5.39 -7.71
N GLY A 160 -0.02 6.08 -8.82
CA GLY A 160 -1.03 6.16 -9.85
C GLY A 160 -0.52 5.75 -11.21
N VAL A 161 0.54 4.93 -11.21
CA VAL A 161 1.24 4.55 -12.43
C VAL A 161 0.36 3.71 -13.38
N TYR A 162 -0.75 3.18 -12.85
CA TYR A 162 -1.68 2.44 -13.69
C TYR A 162 -3.08 3.03 -13.57
N LYS A 175 3.71 4.33 -19.67
CA LYS A 175 4.07 3.71 -18.41
C LYS A 175 5.55 3.36 -18.36
N ASP A 176 6.20 3.39 -19.52
CA ASP A 176 7.59 2.98 -19.63
C ASP A 176 8.56 4.04 -19.12
N HIS A 177 8.22 5.31 -19.33
CA HIS A 177 9.06 6.41 -18.83
C HIS A 177 9.12 6.37 -17.31
N ILE A 178 7.95 6.34 -16.68
CA ILE A 178 7.85 6.27 -15.23
C ILE A 178 8.58 5.03 -14.71
N HIS A 179 8.44 3.92 -15.45
CA HIS A 179 9.10 2.67 -15.12
C HIS A 179 10.61 2.83 -14.97
N ARG A 180 11.23 3.50 -15.94
CA ARG A 180 12.67 3.71 -15.92
C ARG A 180 13.10 4.69 -14.84
N VAL A 181 12.29 5.70 -14.60
CA VAL A 181 12.58 6.67 -13.55
C VAL A 181 12.50 6.00 -12.19
N LEU A 182 11.49 5.16 -12.00
CA LEU A 182 11.35 4.39 -10.78
C LEU A 182 12.55 3.50 -10.55
N ASP A 183 13.02 2.87 -11.61
CA ASP A 183 14.25 2.07 -11.56
C ASP A 183 15.44 2.92 -11.16
N LYS A 184 15.49 4.15 -11.67
CA LYS A 184 16.59 5.06 -11.40
C LYS A 184 16.63 5.44 -9.92
N ILE A 185 15.46 5.64 -9.33
CA ILE A 185 15.38 5.97 -7.91
C ILE A 185 15.79 4.77 -7.06
N THR A 186 15.47 3.56 -7.52
CA THR A 186 15.90 2.34 -6.86
C THR A 186 17.42 2.29 -6.80
N ASP A 187 18.05 2.56 -7.94
CA ASP A 187 19.50 2.62 -8.02
C ASP A 187 20.05 3.65 -7.03
N THR A 188 19.33 4.76 -6.90
CA THR A 188 19.73 5.86 -6.05
C THR A 188 19.67 5.46 -4.57
N LEU A 189 18.61 4.74 -4.20
CA LEU A 189 18.47 4.23 -2.83
C LEU A 189 19.60 3.27 -2.49
N ILE A 190 19.88 2.34 -3.41
CA ILE A 190 20.97 1.38 -3.25
C ILE A 190 22.31 2.09 -3.14
N HIS A 191 22.50 3.11 -3.97
CA HIS A 191 23.70 3.93 -3.95
C HIS A 191 23.93 4.55 -2.57
N LEU A 192 22.86 5.08 -1.97
CA LEU A 192 22.93 5.71 -0.66
C LEU A 192 23.28 4.73 0.44
N MET A 193 22.75 3.51 0.34
CA MET A 193 23.01 2.48 1.33
C MET A 193 24.44 1.95 1.23
N ALA A 194 24.92 1.80 0.00
CA ALA A 194 26.29 1.38 -0.25
C ALA A 194 27.25 2.46 0.22
N LYS A 195 26.84 3.72 0.06
CA LYS A 195 27.62 4.87 0.49
C LYS A 195 27.68 4.91 2.01
N ALA A 196 26.63 4.41 2.66
CA ALA A 196 26.56 4.38 4.11
C ALA A 196 27.35 3.20 4.70
N GLY A 197 27.87 2.35 3.81
CA GLY A 197 28.74 1.27 4.24
C GLY A 197 28.07 -0.08 4.43
N LEU A 198 26.80 -0.17 4.02
CA LEU A 198 26.06 -1.42 4.15
C LEU A 198 26.55 -2.49 3.18
N THR A 199 26.48 -3.75 3.62
CA THR A 199 26.83 -4.86 2.75
C THR A 199 25.72 -5.08 1.73
N LEU A 200 25.99 -5.92 0.73
CA LEU A 200 25.02 -6.21 -0.31
C LEU A 200 23.74 -6.81 0.26
N GLN A 201 23.87 -7.69 1.24
CA GLN A 201 22.72 -8.31 1.87
C GLN A 201 21.92 -7.29 2.68
N GLN A 202 22.63 -6.45 3.43
CA GLN A 202 22.00 -5.40 4.21
C GLN A 202 21.28 -4.41 3.30
N GLN A 203 21.83 -4.20 2.10
CA GLN A 203 21.25 -3.27 1.14
C GLN A 203 19.88 -3.72 0.64
N HIS A 204 19.79 -4.96 0.15
CA HIS A 204 18.53 -5.43 -0.43
C HIS A 204 17.51 -5.72 0.67
N GLN A 205 17.99 -6.04 1.88
CA GLN A 205 17.10 -6.24 3.01
C GLN A 205 16.49 -4.90 3.43
N ARG A 206 17.32 -3.86 3.48
CA ARG A 206 16.85 -2.54 3.86
C ARG A 206 15.94 -1.94 2.78
N LEU A 207 16.28 -2.19 1.52
CA LEU A 207 15.47 -1.73 0.40
C LEU A 207 14.07 -2.31 0.49
N ALA A 208 13.99 -3.61 0.82
CA ALA A 208 12.71 -4.29 0.96
C ALA A 208 11.90 -3.73 2.11
N GLN A 209 12.57 -3.51 3.24
CA GLN A 209 11.92 -2.98 4.44
C GLN A 209 11.30 -1.61 4.17
N LEU A 210 12.02 -0.75 3.47
CA LEU A 210 11.54 0.61 3.19
C LEU A 210 10.34 0.60 2.26
N LEU A 211 10.39 -0.26 1.25
CA LEU A 211 9.33 -0.30 0.24
C LEU A 211 8.05 -0.96 0.76
N LEU A 212 8.20 -1.88 1.70
CA LEU A 212 7.04 -2.53 2.31
C LEU A 212 6.23 -1.56 3.17
N ILE A 213 6.93 -0.58 3.73
CA ILE A 213 6.28 0.45 4.54
C ILE A 213 5.39 1.34 3.67
N LEU A 214 5.74 1.44 2.38
CA LEU A 214 4.96 2.21 1.42
C LEU A 214 3.56 1.65 1.23
N SER A 215 3.41 0.35 1.48
CA SER A 215 2.09 -0.29 1.43
C SER A 215 1.22 0.17 2.58
N HIS A 216 1.85 0.36 3.74
CA HIS A 216 1.14 0.87 4.93
C HIS A 216 0.75 2.33 4.76
N ILE A 217 1.63 3.10 4.12
CA ILE A 217 1.36 4.51 3.84
C ILE A 217 0.16 4.62 2.91
N ARG A 218 0.09 3.73 1.92
CA ARG A 218 -1.05 3.66 1.02
C ARG A 218 -2.34 3.36 1.79
N HIS A 219 -2.24 2.42 2.72
CA HIS A 219 -3.39 2.03 3.53
C HIS A 219 -3.88 3.18 4.38
N MET A 220 -2.95 3.91 4.99
CA MET A 220 -3.29 5.05 5.85
C MET A 220 -3.93 6.18 5.05
N SER A 221 -3.47 6.38 3.83
CA SER A 221 -4.01 7.39 2.95
C SER A 221 -5.47 7.11 2.58
N ASN A 222 -5.75 5.85 2.23
CA ASN A 222 -7.09 5.44 1.85
C ASN A 222 -8.06 5.56 3.01
N LYS A 223 -7.62 5.20 4.21
CA LYS A 223 -8.43 5.37 5.41
C LYS A 223 -8.62 6.85 5.71
N GLY A 224 -7.61 7.65 5.37
CA GLY A 224 -7.68 9.09 5.56
C GLY A 224 -8.69 9.75 4.64
N MET A 225 -8.70 9.30 3.38
CA MET A 225 -9.66 9.81 2.40
C MET A 225 -11.09 9.60 2.85
N GLU A 226 -11.37 8.43 3.40
CA GLU A 226 -12.68 8.10 3.92
C GLU A 226 -13.10 9.10 5.00
N HIS A 227 -12.17 9.39 5.91
CA HIS A 227 -12.44 10.31 7.00
C HIS A 227 -12.62 11.74 6.49
N LEU A 228 -11.79 12.14 5.53
CA LEU A 228 -11.91 13.47 4.94
C LEU A 228 -13.22 13.62 4.19
N TYR A 229 -13.61 12.58 3.47
CA TYR A 229 -14.90 12.53 2.80
C TYR A 229 -16.02 12.61 3.84
N SER A 230 -15.82 11.91 4.94
CA SER A 230 -16.75 11.94 6.06
C SER A 230 -16.82 13.34 6.67
N MET A 231 -15.67 13.98 6.79
CA MET A 231 -15.61 15.35 7.29
C MET A 231 -16.33 16.30 6.33
N LYS A 232 -16.21 16.03 5.04
CA LYS A 232 -16.82 16.87 4.01
C LYS A 232 -18.34 16.75 4.01
N CYS A 233 -18.84 15.52 4.14
CA CYS A 233 -20.27 15.26 4.05
C CYS A 233 -21.06 15.97 5.15
N LYS A 234 -20.44 16.12 6.31
CA LYS A 234 -21.02 16.94 7.37
C LYS A 234 -20.82 18.40 7.01
N ASN A 235 -20.86 19.27 8.01
CA ASN A 235 -20.41 20.63 7.81
C ASN A 235 -19.73 21.14 9.06
N VAL A 236 -18.40 21.12 9.00
CA VAL A 236 -17.54 21.40 10.16
C VAL A 236 -16.51 22.44 9.78
N VAL A 237 -15.63 22.05 8.87
CA VAL A 237 -14.60 22.93 8.36
C VAL A 237 -14.87 23.27 6.92
N PRO A 238 -14.78 24.56 6.56
CA PRO A 238 -14.78 24.89 5.14
C PRO A 238 -13.54 24.32 4.46
N LEU A 239 -13.72 23.47 3.47
CA LEU A 239 -12.61 22.97 2.68
C LEU A 239 -12.26 24.00 1.62
N SER A 240 -10.98 24.17 1.34
CA SER A 240 -10.58 25.00 0.22
C SER A 240 -11.04 24.34 -1.07
N ASP A 241 -11.20 25.12 -2.13
CA ASP A 241 -11.61 24.58 -3.43
C ASP A 241 -10.59 23.56 -3.91
N LEU A 242 -9.32 23.81 -3.62
CA LEU A 242 -8.25 22.91 -4.02
C LEU A 242 -8.36 21.56 -3.30
N LEU A 243 -8.52 21.61 -1.98
CA LEU A 243 -8.66 20.39 -1.18
C LEU A 243 -9.91 19.61 -1.59
N LEU A 244 -10.97 20.33 -1.94
CA LEU A 244 -12.21 19.70 -2.35
C LEU A 244 -12.02 18.95 -3.67
N GLU A 245 -11.25 19.52 -4.58
CA GLU A 245 -11.00 18.90 -5.87
C GLU A 245 -10.06 17.72 -5.75
N MET A 246 -9.06 17.83 -4.88
CA MET A 246 -8.15 16.72 -4.61
C MET A 246 -8.90 15.55 -3.99
N LEU A 247 -9.84 15.87 -3.11
CA LEU A 247 -10.65 14.86 -2.42
C LEU A 247 -11.64 14.19 -3.37
N ASP A 248 -12.28 14.99 -4.21
CA ASP A 248 -13.28 14.48 -5.15
C ASP A 248 -12.67 13.54 -6.19
N ALA A 249 -11.38 13.70 -6.45
CA ALA A 249 -10.68 12.86 -7.42
C ALA A 249 -10.69 11.39 -6.99
N HIS A 250 -10.79 11.16 -5.69
CA HIS A 250 -10.81 9.80 -5.15
C HIS A 250 -12.23 9.24 -5.07
N ARG A 251 -13.20 10.00 -5.57
CA ARG A 251 -14.59 9.56 -5.58
C ARG A 251 -15.36 10.18 -6.74
N SER B 8 12.22 -21.02 16.30
CA SER B 8 11.40 -21.30 15.13
C SER B 8 12.21 -22.00 14.05
N LEU B 9 11.54 -22.85 13.28
CA LEU B 9 12.19 -23.58 12.20
C LEU B 9 12.12 -22.78 10.90
N ALA B 10 11.29 -21.74 10.89
CA ALA B 10 11.13 -20.89 9.72
C ALA B 10 12.40 -20.08 9.45
N LEU B 11 13.10 -19.72 10.53
CA LEU B 11 14.32 -18.94 10.43
C LEU B 11 15.52 -19.82 10.06
N SER B 12 15.31 -21.13 10.08
CA SER B 12 16.38 -22.07 9.79
C SER B 12 16.32 -22.57 8.35
N LEU B 13 15.23 -22.26 7.66
CA LEU B 13 15.01 -22.73 6.29
C LEU B 13 15.95 -22.05 5.29
N THR B 14 16.47 -22.84 4.36
CA THR B 14 17.23 -22.28 3.25
C THR B 14 16.25 -21.62 2.29
N ALA B 15 16.75 -20.81 1.37
CA ALA B 15 15.91 -20.12 0.39
C ALA B 15 15.18 -21.14 -0.49
N ASP B 16 15.87 -22.20 -0.86
CA ASP B 16 15.27 -23.26 -1.67
C ASP B 16 14.21 -24.02 -0.89
N GLN B 17 14.48 -24.26 0.39
CA GLN B 17 13.51 -24.91 1.27
C GLN B 17 12.28 -24.03 1.45
N MET B 18 12.52 -22.73 1.59
CA MET B 18 11.45 -21.75 1.74
C MET B 18 10.52 -21.78 0.53
N VAL B 19 11.11 -21.76 -0.66
CA VAL B 19 10.35 -21.82 -1.90
C VAL B 19 9.54 -23.11 -1.98
N SER B 20 10.20 -24.23 -1.67
CA SER B 20 9.54 -25.54 -1.69
C SER B 20 8.36 -25.57 -0.72
N ALA B 21 8.55 -24.98 0.45
CA ALA B 21 7.50 -24.93 1.47
C ALA B 21 6.30 -24.14 0.97
N LEU B 22 6.56 -22.97 0.40
CA LEU B 22 5.50 -22.10 -0.11
C LEU B 22 4.77 -22.72 -1.29
N LEU B 23 5.52 -23.33 -2.19
CA LEU B 23 4.94 -23.97 -3.37
C LEU B 23 4.01 -25.12 -2.98
N ASP B 24 4.38 -25.86 -1.94
CA ASP B 24 3.60 -27.01 -1.50
C ASP B 24 2.37 -26.58 -0.72
N ALA B 25 2.40 -25.36 -0.19
CA ALA B 25 1.31 -24.84 0.63
C ALA B 25 0.22 -24.19 -0.22
N GLU B 26 0.48 -24.09 -1.52
CA GLU B 26 -0.45 -23.44 -2.45
C GLU B 26 -1.85 -24.04 -2.41
N PRO B 27 -2.86 -23.17 -2.24
CA PRO B 27 -4.26 -23.59 -2.31
C PRO B 27 -4.64 -23.93 -3.74
N PRO B 28 -5.72 -24.71 -3.93
CA PRO B 28 -6.14 -25.04 -5.29
C PRO B 28 -6.94 -23.92 -5.94
N ILE B 29 -7.09 -24.00 -7.26
CA ILE B 29 -7.98 -23.09 -7.97
C ILE B 29 -9.39 -23.68 -7.96
N LEU B 30 -10.34 -22.90 -7.45
CA LEU B 30 -11.71 -23.38 -7.31
C LEU B 30 -12.61 -22.96 -8.48
N TYR B 31 -13.68 -23.71 -8.67
CA TYR B 31 -14.66 -23.39 -9.70
C TYR B 31 -15.79 -22.56 -9.13
N SER B 32 -16.38 -21.72 -9.97
CA SER B 32 -17.56 -20.96 -9.58
C SER B 32 -18.83 -21.71 -9.96
N GLU B 33 -19.98 -21.13 -9.67
CA GLU B 33 -21.26 -21.73 -10.02
C GLU B 33 -21.76 -21.18 -11.35
N TYR B 34 -20.88 -20.54 -12.10
CA TYR B 34 -21.29 -19.86 -13.33
C TYR B 34 -21.86 -20.81 -14.36
N ASP B 35 -22.95 -20.37 -14.99
CA ASP B 35 -23.64 -21.13 -16.02
C ASP B 35 -23.97 -20.19 -17.17
N PRO B 36 -23.34 -20.40 -18.34
CA PRO B 36 -23.52 -19.52 -19.51
C PRO B 36 -24.97 -19.49 -19.99
N THR B 37 -25.72 -20.55 -19.75
CA THR B 37 -27.12 -20.61 -20.16
C THR B 37 -28.02 -19.90 -19.17
N ARG B 38 -27.46 -19.54 -18.02
CA ARG B 38 -28.21 -18.85 -16.99
C ARG B 38 -27.97 -17.34 -17.07
N PRO B 39 -29.06 -16.55 -17.08
CA PRO B 39 -28.93 -15.09 -17.09
C PRO B 39 -28.41 -14.57 -15.75
N PHE B 40 -27.63 -13.49 -15.80
CA PHE B 40 -27.09 -12.91 -14.58
C PHE B 40 -27.26 -11.40 -14.53
N SER B 41 -27.63 -10.90 -13.35
CA SER B 41 -27.62 -9.47 -13.09
C SER B 41 -26.33 -9.13 -12.35
N GLU B 42 -26.14 -7.85 -12.06
CA GLU B 42 -24.98 -7.42 -11.27
C GLU B 42 -25.07 -8.00 -9.86
N ALA B 43 -26.31 -8.17 -9.39
CA ALA B 43 -26.56 -8.72 -8.07
C ALA B 43 -26.19 -10.19 -7.98
N SER B 44 -26.57 -10.95 -9.00
CA SER B 44 -26.32 -12.39 -9.02
C SER B 44 -24.85 -12.70 -9.34
N MET B 45 -24.23 -11.85 -10.15
CA MET B 45 -22.83 -12.03 -10.48
C MET B 45 -21.96 -11.82 -9.25
N MET B 46 -22.35 -10.84 -8.43
CA MET B 46 -21.68 -10.62 -7.14
C MET B 46 -21.94 -11.79 -6.20
N GLY B 47 -23.08 -12.45 -6.40
CA GLY B 47 -23.40 -13.65 -5.64
C GLY B 47 -22.44 -14.77 -5.94
N LEU B 48 -22.13 -14.96 -7.22
CA LEU B 48 -21.15 -15.95 -7.65
C LEU B 48 -19.80 -15.71 -7.02
N LEU B 49 -19.30 -14.48 -7.16
CA LEU B 49 -17.99 -14.10 -6.64
C LEU B 49 -17.94 -14.22 -5.12
N THR B 50 -19.03 -13.85 -4.46
CA THR B 50 -19.14 -13.98 -3.01
C THR B 50 -19.05 -15.43 -2.58
N ASN B 51 -19.79 -16.29 -3.28
CA ASN B 51 -19.75 -17.73 -3.03
C ASN B 51 -18.36 -18.31 -3.26
N LEU B 52 -17.70 -17.85 -4.32
CA LEU B 52 -16.36 -18.31 -4.67
C LEU B 52 -15.34 -17.86 -3.63
N ALA B 53 -15.42 -16.59 -3.25
CA ALA B 53 -14.49 -16.02 -2.27
C ALA B 53 -14.63 -16.71 -0.91
N ASP B 54 -15.87 -17.04 -0.55
CA ASP B 54 -16.15 -17.69 0.72
C ASP B 54 -15.49 -19.08 0.81
N ARG B 55 -15.55 -19.84 -0.28
CA ARG B 55 -14.94 -21.15 -0.33
C ARG B 55 -13.41 -21.04 -0.42
N GLU B 56 -12.92 -19.99 -1.07
CA GLU B 56 -11.49 -19.74 -1.15
C GLU B 56 -10.90 -19.39 0.21
N LEU B 57 -11.69 -18.71 1.04
CA LEU B 57 -11.23 -18.28 2.36
C LEU B 57 -10.84 -19.45 3.24
N VAL B 58 -11.62 -20.53 3.19
CA VAL B 58 -11.33 -21.73 3.98
C VAL B 58 -9.99 -22.31 3.59
N HIS B 59 -9.73 -22.37 2.28
CA HIS B 59 -8.45 -22.85 1.77
C HIS B 59 -7.32 -21.89 2.15
N MET B 60 -7.61 -20.59 2.13
CA MET B 60 -6.61 -19.58 2.46
C MET B 60 -6.15 -19.70 3.92
N ILE B 61 -7.10 -19.96 4.81
CA ILE B 61 -6.82 -20.11 6.23
C ILE B 61 -5.84 -21.27 6.49
N ASN B 62 -6.07 -22.39 5.80
CA ASN B 62 -5.18 -23.54 5.93
C ASN B 62 -3.86 -23.34 5.18
N TRP B 63 -3.88 -22.50 4.16
CA TRP B 63 -2.64 -22.12 3.48
C TRP B 63 -1.76 -21.29 4.40
N ALA B 64 -2.38 -20.36 5.11
CA ALA B 64 -1.68 -19.47 6.02
C ALA B 64 -0.94 -20.25 7.10
N LYS B 65 -1.54 -21.34 7.57
CA LYS B 65 -0.93 -22.15 8.62
C LYS B 65 0.34 -22.84 8.15
N ARG B 66 0.51 -22.93 6.84
CA ARG B 66 1.67 -23.61 6.26
C ARG B 66 2.69 -22.60 5.72
N VAL B 67 2.41 -21.32 5.92
CA VAL B 67 3.39 -20.28 5.67
C VAL B 67 4.37 -20.25 6.83
N PRO B 68 5.66 -20.53 6.55
CA PRO B 68 6.71 -20.61 7.57
C PRO B 68 6.74 -19.39 8.49
N GLY B 69 6.51 -19.63 9.78
CA GLY B 69 6.56 -18.58 10.77
C GLY B 69 5.19 -18.10 11.25
N PHE B 70 4.16 -18.42 10.49
CA PHE B 70 2.81 -17.91 10.79
C PHE B 70 2.24 -18.50 12.07
N VAL B 71 2.37 -19.81 12.25
CA VAL B 71 1.81 -20.48 13.41
C VAL B 71 2.65 -20.26 14.67
N ASP B 72 3.82 -19.63 14.50
CA ASP B 72 4.64 -19.25 15.64
C ASP B 72 3.98 -18.10 16.40
N LEU B 73 3.06 -17.42 15.73
CA LEU B 73 2.36 -16.28 16.30
C LEU B 73 1.18 -16.71 17.15
N THR B 74 0.74 -15.81 18.04
CA THR B 74 -0.46 -16.05 18.83
C THR B 74 -1.67 -16.09 17.91
N LEU B 75 -2.73 -16.77 18.35
CA LEU B 75 -3.95 -16.91 17.57
C LEU B 75 -4.54 -15.54 17.23
N HIS B 76 -4.53 -14.64 18.21
CA HIS B 76 -5.05 -13.30 18.03
C HIS B 76 -4.29 -12.53 16.94
N ASP B 77 -2.99 -12.76 16.86
CA ASP B 77 -2.18 -12.14 15.83
C ASP B 77 -2.40 -12.81 14.47
N GLN B 78 -2.66 -14.11 14.49
CA GLN B 78 -2.99 -14.84 13.27
C GLN B 78 -4.31 -14.35 12.70
N VAL B 79 -5.29 -14.17 13.58
CA VAL B 79 -6.60 -13.65 13.20
C VAL B 79 -6.48 -12.27 12.57
N HIS B 80 -5.71 -11.40 13.22
CA HIS B 80 -5.55 -10.02 12.77
C HIS B 80 -4.94 -9.93 11.37
N LEU B 81 -3.86 -10.67 11.14
CA LEU B 81 -3.17 -10.64 9.86
C LEU B 81 -4.08 -11.09 8.71
N LEU B 82 -4.86 -12.13 8.94
CA LEU B 82 -5.76 -12.64 7.92
C LEU B 82 -6.95 -11.69 7.71
N GLU B 83 -7.41 -11.07 8.78
CA GLU B 83 -8.49 -10.09 8.68
C GLU B 83 -8.06 -8.91 7.82
N CYS B 84 -6.81 -8.49 7.99
CA CYS B 84 -6.27 -7.36 7.25
C CYS B 84 -6.02 -7.69 5.78
N ALA B 85 -5.57 -8.91 5.52
CA ALA B 85 -4.97 -9.23 4.23
C ALA B 85 -5.82 -10.09 3.28
N TRP B 86 -6.96 -10.58 3.75
CA TRP B 86 -7.69 -11.62 3.01
C TRP B 86 -8.09 -11.19 1.59
N LEU B 87 -8.49 -9.94 1.41
CA LEU B 87 -8.90 -9.48 0.08
C LEU B 87 -7.67 -9.20 -0.78
N GLU B 88 -6.58 -8.78 -0.16
CA GLU B 88 -5.31 -8.59 -0.85
C GLU B 88 -4.82 -9.91 -1.45
N ILE B 89 -4.92 -10.97 -0.65
CA ILE B 89 -4.45 -12.29 -1.04
C ILE B 89 -5.34 -12.89 -2.13
N LEU B 90 -6.64 -12.70 -2.01
CA LEU B 90 -7.57 -13.12 -3.06
C LEU B 90 -7.24 -12.42 -4.37
N MET B 91 -6.95 -11.12 -4.29
CA MET B 91 -6.76 -10.29 -5.47
C MET B 91 -5.47 -10.61 -6.21
N ILE B 92 -4.37 -10.82 -5.49
CA ILE B 92 -3.11 -11.16 -6.15
C ILE B 92 -3.21 -12.56 -6.75
N GLY B 93 -4.07 -13.40 -6.15
CA GLY B 93 -4.33 -14.72 -6.70
C GLY B 93 -5.11 -14.59 -7.99
N LEU B 94 -6.12 -13.72 -7.99
CA LEU B 94 -6.92 -13.45 -9.17
C LEU B 94 -6.07 -12.87 -10.30
N VAL B 95 -5.22 -11.92 -9.94
CA VAL B 95 -4.32 -11.27 -10.89
C VAL B 95 -3.34 -12.28 -11.50
N TRP B 96 -2.82 -13.17 -10.66
CA TRP B 96 -1.90 -14.22 -11.09
C TRP B 96 -2.56 -15.17 -12.09
N ARG B 97 -3.80 -15.55 -11.81
CA ARG B 97 -4.54 -16.45 -12.69
C ARG B 97 -4.88 -15.80 -14.03
N SER B 98 -4.92 -14.47 -14.05
CA SER B 98 -5.37 -13.73 -15.22
C SER B 98 -4.25 -13.28 -16.16
N MET B 99 -3.00 -13.57 -15.78
CA MET B 99 -1.83 -13.15 -16.56
C MET B 99 -1.91 -13.53 -18.03
N GLU B 100 -2.27 -14.78 -18.30
CA GLU B 100 -2.30 -15.31 -19.67
C GLU B 100 -3.57 -14.95 -20.42
N HIS B 101 -4.38 -14.07 -19.85
CA HIS B 101 -5.63 -13.64 -20.48
C HIS B 101 -5.73 -12.11 -20.52
N PRO B 102 -5.04 -11.49 -21.48
CA PRO B 102 -5.03 -10.02 -21.62
C PRO B 102 -6.43 -9.42 -21.78
N GLY B 103 -6.75 -8.44 -20.97
CA GLY B 103 -8.04 -7.77 -21.03
C GLY B 103 -9.14 -8.55 -20.32
N LYS B 104 -8.76 -9.66 -19.69
CA LYS B 104 -9.72 -10.50 -18.99
C LYS B 104 -9.29 -10.81 -17.56
N LEU B 105 -10.26 -11.11 -16.71
CA LEU B 105 -9.98 -11.58 -15.36
C LEU B 105 -10.53 -13.00 -15.20
N LEU B 106 -9.66 -13.93 -14.83
CA LEU B 106 -10.04 -15.32 -14.66
C LEU B 106 -10.39 -15.60 -13.19
N PHE B 107 -11.63 -15.30 -12.82
CA PHE B 107 -12.09 -15.53 -11.45
C PHE B 107 -12.09 -17.02 -11.12
N ALA B 108 -12.43 -17.82 -12.13
CA ALA B 108 -12.45 -19.26 -12.01
C ALA B 108 -12.20 -19.86 -13.39
N PRO B 109 -11.79 -21.14 -13.45
CA PRO B 109 -11.58 -21.76 -14.77
C PRO B 109 -12.82 -21.72 -15.66
N ASN B 110 -13.99 -21.64 -15.06
CA ASN B 110 -15.24 -21.53 -15.81
C ASN B 110 -15.85 -20.14 -15.76
N LEU B 111 -15.09 -19.18 -15.23
CA LEU B 111 -15.56 -17.81 -15.12
C LEU B 111 -14.51 -16.80 -15.59
N LEU B 112 -14.47 -16.56 -16.89
CA LEU B 112 -13.55 -15.59 -17.47
C LEU B 112 -14.32 -14.34 -17.89
N LEU B 113 -14.12 -13.25 -17.16
CA LEU B 113 -14.84 -12.02 -17.42
C LEU B 113 -13.94 -10.90 -17.94
N ASP B 114 -14.37 -10.26 -19.04
CA ASP B 114 -13.67 -9.10 -19.58
C ASP B 114 -14.36 -7.84 -19.10
N ARG B 115 -13.73 -6.68 -19.30
CA ARG B 115 -14.39 -5.44 -18.95
C ARG B 115 -15.51 -5.18 -19.96
N ASN B 116 -16.74 -5.23 -19.48
CA ASN B 116 -17.94 -5.00 -20.29
C ASN B 116 -19.20 -5.00 -19.43
N GLU B 122 -21.09 0.57 -10.77
CA GLU B 122 -20.51 1.84 -10.36
C GLU B 122 -19.02 1.91 -10.69
N GLY B 123 -18.21 2.18 -9.68
CA GLY B 123 -16.77 2.21 -9.84
C GLY B 123 -16.18 0.81 -9.81
N MET B 124 -17.05 -0.18 -9.96
CA MET B 124 -16.63 -1.58 -10.05
C MET B 124 -15.73 -1.79 -11.26
N VAL B 125 -16.04 -1.08 -12.34
CA VAL B 125 -15.25 -1.15 -13.57
C VAL B 125 -13.86 -0.55 -13.34
N GLU B 126 -13.78 0.42 -12.43
CA GLU B 126 -12.49 1.03 -12.09
C GLU B 126 -11.59 0.02 -11.38
N ILE B 127 -12.16 -0.69 -10.42
CA ILE B 127 -11.45 -1.75 -9.72
C ILE B 127 -11.05 -2.84 -10.71
N PHE B 128 -11.95 -3.10 -11.66
CA PHE B 128 -11.71 -4.07 -12.72
C PHE B 128 -10.47 -3.67 -13.54
N ASP B 129 -10.43 -2.41 -13.97
CA ASP B 129 -9.31 -1.90 -14.75
C ASP B 129 -8.02 -1.91 -13.95
N MET B 130 -8.13 -1.67 -12.65
CA MET B 130 -6.97 -1.69 -11.78
C MET B 130 -6.38 -3.10 -11.70
N LEU B 131 -7.24 -4.10 -11.65
CA LEU B 131 -6.82 -5.49 -11.63
C LEU B 131 -6.20 -5.92 -12.96
N LEU B 132 -6.81 -5.45 -14.05
CA LEU B 132 -6.29 -5.72 -15.39
C LEU B 132 -4.90 -5.13 -15.58
N ALA B 133 -4.69 -3.93 -15.05
CA ALA B 133 -3.41 -3.26 -15.16
C ALA B 133 -2.32 -3.98 -14.37
N THR B 134 -2.69 -4.49 -13.19
CA THR B 134 -1.76 -5.24 -12.36
C THR B 134 -1.37 -6.55 -13.04
N SER B 135 -2.36 -7.21 -13.64
CA SER B 135 -2.11 -8.43 -14.38
C SER B 135 -1.18 -8.17 -15.56
N SER B 136 -1.44 -7.06 -16.25
CA SER B 136 -0.59 -6.65 -17.37
C SER B 136 0.84 -6.41 -16.90
N ARG B 137 0.97 -5.85 -15.69
CA ARG B 137 2.29 -5.61 -15.10
C ARG B 137 3.01 -6.92 -14.81
N PHE B 138 2.26 -7.91 -14.31
CA PHE B 138 2.82 -9.22 -13.99
C PHE B 138 3.39 -9.92 -15.21
N ARG B 139 2.67 -9.87 -16.33
CA ARG B 139 3.06 -10.62 -17.52
C ARG B 139 4.20 -9.92 -18.27
N MET B 140 4.28 -8.60 -18.17
CA MET B 140 5.35 -7.85 -18.80
C MET B 140 6.66 -8.08 -18.04
N MET B 141 6.56 -8.24 -16.73
CA MET B 141 7.70 -8.58 -15.90
C MET B 141 8.06 -10.05 -16.03
N ASN B 142 7.14 -10.83 -16.60
CA ASN B 142 7.24 -12.28 -16.65
C ASN B 142 7.38 -12.84 -15.23
N LEU B 143 6.41 -12.50 -14.38
CA LEU B 143 6.43 -12.92 -12.99
C LEU B 143 6.43 -14.45 -12.87
N GLN B 144 7.36 -14.95 -12.06
CA GLN B 144 7.50 -16.40 -11.89
C GLN B 144 6.66 -16.90 -10.73
N GLY B 145 6.32 -18.20 -10.77
CA GLY B 145 5.52 -18.82 -9.73
C GLY B 145 6.20 -18.79 -8.38
N GLU B 146 7.52 -18.95 -8.37
CA GLU B 146 8.29 -18.91 -7.13
C GLU B 146 8.27 -17.51 -6.53
N GLU B 147 8.27 -16.50 -7.39
CA GLU B 147 8.21 -15.12 -6.94
C GLU B 147 6.82 -14.81 -6.39
N PHE B 148 5.80 -15.31 -7.07
CA PHE B 148 4.42 -15.06 -6.68
C PHE B 148 4.08 -15.57 -5.28
N VAL B 149 4.54 -16.77 -4.94
CA VAL B 149 4.26 -17.34 -3.63
C VAL B 149 5.01 -16.57 -2.53
N CYS B 150 6.16 -16.00 -2.88
CA CYS B 150 6.89 -15.15 -1.94
C CYS B 150 6.12 -13.87 -1.69
N LEU B 151 5.67 -13.25 -2.78
CA LEU B 151 4.86 -12.02 -2.72
C LEU B 151 3.62 -12.21 -1.86
N LYS B 152 2.94 -13.34 -2.05
CA LYS B 152 1.69 -13.60 -1.35
C LYS B 152 1.91 -13.77 0.15
N SER B 153 3.01 -14.43 0.51
CA SER B 153 3.36 -14.61 1.92
C SER B 153 3.77 -13.31 2.57
N ILE B 154 4.41 -12.44 1.81
CA ILE B 154 4.78 -11.11 2.29
C ILE B 154 3.53 -10.32 2.65
N ILE B 155 2.55 -10.34 1.76
CA ILE B 155 1.28 -9.66 1.98
C ILE B 155 0.63 -10.10 3.28
N LEU B 156 0.61 -11.41 3.51
CA LEU B 156 0.03 -11.99 4.72
C LEU B 156 0.69 -11.46 5.99
N LEU B 157 2.02 -11.39 5.96
CA LEU B 157 2.79 -11.02 7.16
C LEU B 157 2.92 -9.52 7.33
N ASN B 158 2.92 -8.78 6.22
CA ASN B 158 3.21 -7.35 6.27
C ASN B 158 1.98 -6.45 6.39
N SER B 159 0.87 -6.86 5.76
CA SER B 159 -0.30 -5.99 5.66
C SER B 159 -0.92 -5.60 6.99
N GLY B 160 -0.67 -6.40 8.02
CA GLY B 160 -1.26 -6.14 9.33
C GLY B 160 -0.24 -6.04 10.44
N VAL B 161 1.04 -6.08 10.09
CA VAL B 161 2.12 -6.03 11.08
C VAL B 161 2.03 -4.73 11.88
N TYR B 162 1.56 -3.67 11.22
CA TYR B 162 1.21 -2.43 11.89
C TYR B 162 -0.28 -2.21 11.70
N THR B 163 -1.04 -2.57 12.75
CA THR B 163 -2.51 -2.68 12.71
C THR B 163 -3.22 -1.70 11.79
N LEU B 169 2.23 -4.15 25.71
CA LEU B 169 3.17 -4.92 26.49
C LEU B 169 4.17 -5.66 25.60
N LYS B 170 4.45 -6.92 25.94
CA LYS B 170 5.40 -7.72 25.17
C LYS B 170 4.76 -8.29 23.91
N SER B 171 4.09 -7.43 23.15
CA SER B 171 3.57 -7.81 21.84
C SER B 171 4.62 -7.51 20.79
N LEU B 172 5.63 -6.75 21.20
CA LEU B 172 6.72 -6.35 20.31
C LEU B 172 7.58 -7.55 19.91
N GLU B 173 7.62 -8.56 20.77
CA GLU B 173 8.36 -9.79 20.49
C GLU B 173 7.78 -10.48 19.26
N GLU B 174 6.45 -10.39 19.13
CA GLU B 174 5.76 -10.96 17.97
C GLU B 174 6.06 -10.16 16.71
N LYS B 175 6.11 -8.84 16.86
CA LYS B 175 6.40 -7.94 15.74
C LYS B 175 7.81 -8.16 15.20
N ASP B 176 8.75 -8.43 16.11
CA ASP B 176 10.12 -8.71 15.73
C ASP B 176 10.22 -9.97 14.88
N HIS B 177 9.52 -11.02 15.32
CA HIS B 177 9.55 -12.30 14.62
C HIS B 177 9.04 -12.18 13.18
N ILE B 178 7.99 -11.38 12.99
CA ILE B 178 7.42 -11.16 11.67
C ILE B 178 8.43 -10.47 10.74
N HIS B 179 9.16 -9.51 11.29
CA HIS B 179 10.17 -8.78 10.52
C HIS B 179 11.30 -9.69 10.07
N ARG B 180 11.70 -10.61 10.93
CA ARG B 180 12.79 -11.53 10.62
C ARG B 180 12.38 -12.53 9.55
N VAL B 181 11.12 -12.95 9.58
CA VAL B 181 10.61 -13.85 8.54
C VAL B 181 10.47 -13.10 7.22
N LEU B 182 10.07 -11.83 7.29
CA LEU B 182 9.96 -10.98 6.12
C LEU B 182 11.32 -10.79 5.47
N ASP B 183 12.34 -10.64 6.30
CA ASP B 183 13.72 -10.53 5.81
C ASP B 183 14.14 -11.83 5.11
N LYS B 184 13.66 -12.95 5.62
CA LYS B 184 13.94 -14.25 5.04
C LYS B 184 13.36 -14.38 3.63
N ILE B 185 12.13 -13.88 3.46
CA ILE B 185 11.46 -13.92 2.16
C ILE B 185 12.15 -12.97 1.17
N THR B 186 12.71 -11.88 1.70
CA THR B 186 13.48 -10.96 0.88
C THR B 186 14.73 -11.65 0.36
N ASP B 187 15.44 -12.33 1.26
CA ASP B 187 16.61 -13.13 0.89
C ASP B 187 16.25 -14.17 -0.15
N THR B 188 15.06 -14.74 -0.01
CA THR B 188 14.58 -15.77 -0.91
C THR B 188 14.32 -15.21 -2.30
N LEU B 189 13.72 -14.01 -2.34
CA LEU B 189 13.44 -13.35 -3.61
C LEU B 189 14.73 -13.06 -4.38
N ILE B 190 15.72 -12.51 -3.70
CA ILE B 190 17.02 -12.21 -4.30
C ILE B 190 17.69 -13.50 -4.80
N HIS B 191 17.63 -14.54 -4.00
CA HIS B 191 18.18 -15.85 -4.37
C HIS B 191 17.58 -16.36 -5.67
N LEU B 192 16.26 -16.23 -5.80
CA LEU B 192 15.56 -16.64 -7.01
C LEU B 192 16.00 -15.82 -8.23
N MET B 193 16.20 -14.52 -8.01
CA MET B 193 16.58 -13.62 -9.09
C MET B 193 18.03 -13.83 -9.52
N ALA B 194 18.89 -14.10 -8.55
CA ALA B 194 20.30 -14.38 -8.83
C ALA B 194 20.42 -15.67 -9.63
N LYS B 195 19.62 -16.66 -9.25
CA LYS B 195 19.60 -17.95 -9.93
C LYS B 195 19.06 -17.80 -11.36
N ALA B 196 18.27 -16.76 -11.57
CA ALA B 196 17.68 -16.49 -12.89
C ALA B 196 18.66 -15.75 -13.79
N GLY B 197 19.86 -15.47 -13.27
CA GLY B 197 20.92 -14.87 -14.07
C GLY B 197 20.92 -13.36 -14.12
N LEU B 198 20.09 -12.74 -13.28
CA LEU B 198 20.02 -11.28 -13.22
C LEU B 198 21.27 -10.69 -12.58
N THR B 199 21.74 -9.57 -13.10
CA THR B 199 22.84 -8.85 -12.48
C THR B 199 22.35 -8.24 -11.16
N LEU B 200 23.29 -7.74 -10.36
CA LEU B 200 22.95 -7.16 -9.06
C LEU B 200 22.02 -5.95 -9.21
N GLN B 201 22.28 -5.13 -10.21
CA GLN B 201 21.42 -3.98 -10.48
C GLN B 201 20.02 -4.43 -10.88
N GLN B 202 19.96 -5.47 -11.71
CA GLN B 202 18.69 -6.02 -12.17
C GLN B 202 17.92 -6.67 -11.03
N GLN B 203 18.65 -7.27 -10.09
CA GLN B 203 18.03 -7.88 -8.93
C GLN B 203 17.35 -6.85 -8.05
N HIS B 204 18.09 -5.78 -7.72
CA HIS B 204 17.58 -4.71 -6.88
C HIS B 204 16.39 -4.02 -7.53
N GLN B 205 16.46 -3.82 -8.85
CA GLN B 205 15.38 -3.18 -9.58
C GLN B 205 14.14 -4.05 -9.64
N ARG B 206 14.31 -5.34 -9.90
CA ARG B 206 13.16 -6.25 -9.97
C ARG B 206 12.51 -6.41 -8.59
N LEU B 207 13.35 -6.46 -7.56
CA LEU B 207 12.85 -6.55 -6.19
C LEU B 207 11.97 -5.35 -5.86
N ALA B 208 12.41 -4.17 -6.26
CA ALA B 208 11.66 -2.94 -6.04
C ALA B 208 10.34 -2.96 -6.81
N GLN B 209 10.41 -3.38 -8.08
CA GLN B 209 9.25 -3.48 -8.93
C GLN B 209 8.17 -4.36 -8.33
N LEU B 210 8.58 -5.51 -7.79
CA LEU B 210 7.66 -6.45 -7.18
C LEU B 210 6.99 -5.87 -5.93
N LEU B 211 7.78 -5.21 -5.10
CA LEU B 211 7.28 -4.72 -3.82
C LEU B 211 6.40 -3.49 -3.99
N LEU B 212 6.62 -2.73 -5.06
CA LEU B 212 5.79 -1.56 -5.35
C LEU B 212 4.40 -1.98 -5.80
N ILE B 213 4.31 -3.16 -6.40
CA ILE B 213 3.03 -3.73 -6.82
C ILE B 213 2.13 -3.99 -5.61
N LEU B 214 2.76 -4.32 -4.49
CA LEU B 214 2.04 -4.60 -3.25
C LEU B 214 1.29 -3.37 -2.73
N SER B 215 1.85 -2.20 -3.00
CA SER B 215 1.16 -0.95 -2.67
C SER B 215 -0.11 -0.82 -3.48
N HIS B 216 -0.04 -1.25 -4.74
CA HIS B 216 -1.18 -1.21 -5.65
C HIS B 216 -2.23 -2.24 -5.25
N ILE B 217 -1.78 -3.39 -4.79
CA ILE B 217 -2.68 -4.46 -4.34
C ILE B 217 -3.39 -4.02 -3.07
N ARG B 218 -2.68 -3.32 -2.19
CA ARG B 218 -3.28 -2.75 -1.00
C ARG B 218 -4.38 -1.75 -1.35
N HIS B 219 -4.10 -0.90 -2.33
CA HIS B 219 -5.05 0.12 -2.77
C HIS B 219 -6.34 -0.51 -3.31
N MET B 220 -6.18 -1.52 -4.16
CA MET B 220 -7.33 -2.21 -4.74
C MET B 220 -8.16 -2.90 -3.67
N SER B 221 -7.47 -3.44 -2.66
CA SER B 221 -8.14 -4.08 -1.53
C SER B 221 -9.00 -3.09 -0.75
N ASN B 222 -8.41 -1.93 -0.46
CA ASN B 222 -9.13 -0.88 0.27
C ASN B 222 -10.35 -0.40 -0.49
N LYS B 223 -10.20 -0.19 -1.79
CA LYS B 223 -11.32 0.20 -2.64
C LYS B 223 -12.34 -0.94 -2.71
N GLY B 224 -11.86 -2.16 -2.67
CA GLY B 224 -12.74 -3.33 -2.72
C GLY B 224 -13.60 -3.46 -1.49
N MET B 225 -13.00 -3.21 -0.33
CA MET B 225 -13.72 -3.27 0.94
C MET B 225 -14.84 -2.24 1.00
N GLU B 226 -14.59 -1.05 0.45
CA GLU B 226 -15.58 0.00 0.39
C GLU B 226 -16.82 -0.44 -0.37
N HIS B 227 -16.61 -1.08 -1.52
CA HIS B 227 -17.71 -1.54 -2.35
C HIS B 227 -18.45 -2.69 -1.69
N LEU B 228 -17.73 -3.55 -1.00
CA LEU B 228 -18.34 -4.69 -0.31
C LEU B 228 -19.17 -4.23 0.88
N TYR B 229 -18.71 -3.17 1.54
CA TYR B 229 -19.48 -2.56 2.63
C TYR B 229 -20.68 -1.80 2.07
N SER B 230 -20.46 -1.13 0.93
CA SER B 230 -21.53 -0.47 0.21
C SER B 230 -22.56 -1.50 -0.23
N MET B 231 -22.08 -2.67 -0.62
CA MET B 231 -22.95 -3.78 -0.96
C MET B 231 -23.78 -4.18 0.26
N LYS B 232 -23.13 -4.88 1.20
CA LYS B 232 -23.74 -5.37 2.44
C LYS B 232 -24.90 -4.52 2.98
N CYS B 233 -24.70 -3.22 3.05
CA CYS B 233 -25.71 -2.31 3.60
C CYS B 233 -26.94 -2.19 2.70
N LYS B 234 -26.80 -2.52 1.43
CA LYS B 234 -27.87 -2.35 0.47
C LYS B 234 -28.71 -3.61 0.27
N ASN B 235 -28.60 -4.55 1.22
CA ASN B 235 -29.29 -5.85 1.16
C ASN B 235 -28.86 -6.68 -0.07
N VAL B 236 -28.93 -6.05 -1.24
CA VAL B 236 -28.42 -6.54 -2.53
C VAL B 236 -27.93 -8.01 -2.64
N VAL B 237 -26.96 -8.40 -1.82
CA VAL B 237 -26.34 -9.72 -1.94
C VAL B 237 -26.12 -10.37 -0.57
N PRO B 238 -26.55 -11.63 -0.42
CA PRO B 238 -26.28 -12.37 0.82
C PRO B 238 -24.80 -12.64 1.02
N LEU B 239 -24.18 -11.91 1.95
CA LEU B 239 -22.80 -12.18 2.32
C LEU B 239 -22.74 -13.39 3.26
N SER B 240 -21.68 -14.18 3.16
CA SER B 240 -21.53 -15.35 4.01
C SER B 240 -21.19 -14.91 5.43
N ASP B 241 -21.36 -15.83 6.38
CA ASP B 241 -21.10 -15.54 7.78
C ASP B 241 -19.63 -15.21 8.02
N LEU B 242 -18.74 -15.88 7.30
CA LEU B 242 -17.32 -15.62 7.43
C LEU B 242 -16.95 -14.28 6.80
N LEU B 243 -17.45 -14.02 5.61
CA LEU B 243 -17.20 -12.77 4.91
C LEU B 243 -17.70 -11.58 5.71
N LEU B 244 -18.86 -11.72 6.33
CA LEU B 244 -19.43 -10.69 7.18
C LEU B 244 -18.48 -10.33 8.31
N GLU B 245 -17.86 -11.35 8.90
CA GLU B 245 -16.93 -11.14 10.00
C GLU B 245 -15.61 -10.56 9.51
N MET B 246 -15.12 -11.05 8.38
CA MET B 246 -13.91 -10.51 7.78
C MET B 246 -14.11 -9.05 7.39
N LEU B 247 -15.29 -8.76 6.84
CA LEU B 247 -15.64 -7.41 6.42
C LEU B 247 -15.78 -6.47 7.60
N ASP B 248 -16.41 -6.96 8.66
CA ASP B 248 -16.69 -6.14 9.85
C ASP B 248 -15.40 -5.70 10.54
N ALA B 249 -14.35 -6.50 10.40
CA ALA B 249 -13.06 -6.19 11.01
C ALA B 249 -12.43 -4.93 10.43
N HIS B 250 -12.79 -4.63 9.18
CA HIS B 250 -12.27 -3.44 8.51
C HIS B 250 -13.11 -2.20 8.79
N ARG B 251 -14.24 -2.39 9.47
CA ARG B 251 -15.11 -1.28 9.83
C ARG B 251 -14.74 -0.73 11.20
N LEU B 252 -13.78 -1.38 11.85
CA LEU B 252 -13.31 -0.95 13.17
C LEU B 252 -11.79 -0.97 13.24
N HIS C 2 -10.44 24.22 -15.81
CA HIS C 2 -11.42 23.66 -14.88
C HIS C 2 -10.80 23.40 -13.50
N LYS C 3 -10.02 22.33 -13.40
CA LYS C 3 -9.36 21.98 -12.15
C LYS C 3 -8.30 23.01 -11.78
N ILE C 4 -8.23 23.32 -10.49
CA ILE C 4 -7.22 24.22 -9.95
C ILE C 4 -5.82 23.64 -10.17
N LEU C 5 -5.73 22.32 -10.08
CA LEU C 5 -4.45 21.62 -10.21
C LEU C 5 -3.84 21.82 -11.61
N HIS C 6 -4.70 21.93 -12.62
CA HIS C 6 -4.24 22.14 -13.98
C HIS C 6 -3.56 23.50 -14.12
N ARG C 7 -4.07 24.49 -13.40
CA ARG C 7 -3.49 25.84 -13.43
C ARG C 7 -2.16 25.89 -12.67
N LEU C 8 -2.17 25.36 -11.46
CA LEU C 8 -1.01 25.43 -10.56
C LEU C 8 0.21 24.71 -11.11
N LEU C 9 -0.01 23.68 -11.92
CA LEU C 9 1.07 22.89 -12.48
C LEU C 9 1.76 23.58 -13.66
N GLN C 10 1.16 24.66 -14.13
CA GLN C 10 1.72 25.42 -15.25
C GLN C 10 2.71 26.48 -14.77
N ASP C 11 2.22 27.38 -13.93
CA ASP C 11 2.94 28.56 -13.43
C ASP C 11 4.46 28.50 -13.49
N LYS D 3 -16.35 -16.62 17.18
CA LYS D 3 -15.65 -15.99 16.05
C LYS D 3 -15.13 -17.06 15.09
N ILE D 4 -15.66 -17.06 13.87
CA ILE D 4 -15.41 -18.11 12.89
C ILE D 4 -13.94 -18.26 12.52
N LEU D 5 -13.28 -17.13 12.23
CA LEU D 5 -11.87 -17.15 11.83
C LEU D 5 -10.97 -17.71 12.93
N HIS D 6 -11.22 -17.29 14.17
CA HIS D 6 -10.46 -17.77 15.31
C HIS D 6 -10.65 -19.28 15.49
N ARG D 7 -11.86 -19.74 15.22
CA ARG D 7 -12.20 -21.16 15.35
C ARG D 7 -11.42 -22.00 14.33
N LEU D 8 -11.50 -21.61 13.06
CA LEU D 8 -10.87 -22.34 11.98
C LEU D 8 -9.36 -22.35 12.11
N LEU D 9 -8.80 -21.25 12.62
CA LEU D 9 -7.36 -21.17 12.85
C LEU D 9 -6.94 -22.06 14.01
N GLN D 10 -7.78 -22.14 15.04
CA GLN D 10 -7.47 -22.90 16.25
C GLN D 10 -7.55 -24.41 16.01
N ASP D 11 -8.32 -24.80 15.00
CA ASP D 11 -8.47 -26.21 14.65
C ASP D 11 -7.14 -26.82 14.22
#